data_1VRL
#
_entry.id   1VRL
#
_cell.length_a   37.977
_cell.length_b   85.730
_cell.length_c   141.635
_cell.angle_alpha   90.00
_cell.angle_beta   90.00
_cell.angle_gamma   90.00
#
_symmetry.space_group_name_H-M   'P 21 21 21'
#
loop_
_entity.id
_entity.type
_entity.pdbx_description
1 polymer "5'-D(*AP*AP*GP*AP*CP*(8OG)P*TP*GP*GP*AP*C)-3'"
2 polymer "5'-D(*TP*GP*TP*CP*CP*AP*(HPD)P*GP*TP*CP*T)-3'"
3 polymer MutY
4 non-polymer 'CALCIUM ION'
5 non-polymer 'IRON/SULFUR CLUSTER'
6 non-polymer ADENINE
7 water water
#
loop_
_entity_poly.entity_id
_entity_poly.type
_entity_poly.pdbx_seq_one_letter_code
_entity_poly.pdbx_strand_id
1 'polydeoxyribonucleotide' (DA)(DA)(DG)(DA)(DC)(8OG)(DT)(DG)(DG)(DA)(DC) B
2 'polydeoxyribonucleotide' (DT)(DG)(DT)(DC)(DC)(DA)(HPD)(DG)(DT)(DC)(DT) C
3 'polypeptide(L)'
;GSHMTRETERFPAREFQRDLLDWFARERRDLPWRKDRDPYKVWVSEVMLQQTRVETVIPYFEQFIDRFPTLEALADADED
EVLKAWEGLGYYSRVRNLHAAVKEVKTRYGGKVPDDPDEFSRLKGVGPYTVGAVLSLAYGVPEPAVNGNVMRVLSRLFLV
TDDIAKPSTRKRFEQIVREIMAYENPGAFNEALIELGALVCTPRRPSCLLCPVQAYCQAFAEGVAEELPVKMKKTAVKQV
PLAVAVLADDEGRVLIRKRDSTGLLANLWEFPSCETDGADGKEKLEQMVGEQYGLQVELTEPIVSFEHAFSHLVWQLTVF
PGRLVHGGPVEEPYRLAPEDELKAYAFPVSHQRVWREYKEWASGVRPPP
;
A
#
loop_
_chem_comp.id
_chem_comp.type
_chem_comp.name
_chem_comp.formula
8OG DNA linking 8-OXO-2'-DEOXY-GUANOSINE-5'-MONOPHOSPHATE 'C10 H14 N5 O8 P'
ADE non-polymer ADENINE 'C5 H5 N5'
CA non-polymer 'CALCIUM ION' 'Ca 2'
DA DNA linking 2'-DEOXYADENOSINE-5'-MONOPHOSPHATE 'C10 H14 N5 O6 P'
DC DNA linking 2'-DEOXYCYTIDINE-5'-MONOPHOSPHATE 'C9 H14 N3 O7 P'
DG DNA linking 2'-DEOXYGUANOSINE-5'-MONOPHOSPHATE 'C10 H14 N5 O7 P'
DT DNA linking THYMIDINE-5'-MONOPHOSPHATE 'C10 H15 N2 O8 P'
HPD non-polymer 1-HYDROXY-PENTANE-3,4-DIOL-5-PHOSPHATE 'C5 H13 O7 P'
SF4 non-polymer 'IRON/SULFUR CLUSTER' 'Fe4 S4'
#
# COMPACT_ATOMS: atom_id res chain seq x y z
P 8OG A 6 -2.61 8.00 2.60
OP1 8OG A 6 -2.96 7.27 1.35
OP2 8OG A 6 -3.53 9.07 3.10
O5' 8OG A 6 -2.40 6.96 3.80
C5' 8OG A 6 -3.43 6.71 4.75
C4' 8OG A 6 -4.33 5.64 4.20
O4' 8OG A 6 -3.59 4.41 4.07
C3' 8OG A 6 -5.53 5.28 5.06
O3' 8OG A 6 -6.52 4.73 4.20
C2' 8OG A 6 -4.98 4.21 5.98
C1' 8OG A 6 -3.97 3.49 5.08
N9 8OG A 6 -2.72 3.05 5.67
C8 8OG A 6 -1.99 3.64 6.69
N7 8OG A 6 -0.90 2.99 6.98
C5 8OG A 6 -0.91 1.89 6.12
C6 8OG A 6 0.01 0.82 5.94
O6 8OG A 6 1.06 0.62 6.54
N1 8OG A 6 -0.39 -0.09 4.95
C2 8OG A 6 -1.56 0.03 4.19
N2 8OG A 6 -1.78 -0.94 3.29
N3 8OG A 6 -2.43 1.03 4.34
C4 8OG A 6 -2.05 1.92 5.31
O8 8OG A 6 -2.32 4.69 7.26
P HPD B 7 8.77 -1.00 9.05
P HPD B 7 4.15 -9.75 3.18
O5' HPD B 7 9.96 -0.16 8.37
O5' HPD B 7 4.88 -9.28 1.83
O1P HPD B 7 9.37 -2.07 9.88
O1P HPD B 7 2.90 -10.49 2.82
O2P HPD B 7 7.81 -0.04 9.65
O2P HPD B 7 5.16 -10.39 4.04
C5' HPD B 7 10.23 -0.28 6.98
C5' HPD B 7 5.00 -7.90 1.49
O4' HPD B 7 10.45 -2.67 7.07
O4' HPD B 7 7.34 -8.38 1.13
O3' HPD B 7 10.44 -1.25 4.41
O3' HPD B 7 7.91 -5.51 1.78
C1' HPD B 7 12.81 -0.49 3.59
C1' HPD B 7 6.98 -4.98 -0.98
O1' HPD B 7 13.27 0.87 3.39
O1' HPD B 7 6.79 -5.24 -2.40
C3' HPD B 7 11.54 -1.63 5.25
C3' HPD B 7 6.77 -6.06 1.12
C4' HPD B 7 11.14 -1.46 6.72
C4' HPD B 7 6.43 -7.44 1.71
C2' HPD B 7 12.70 -0.67 5.10
C2' HPD B 7 7.12 -6.35 -0.33
N PRO C 12 29.78 -19.61 1.82
CA PRO C 12 29.26 -20.81 1.13
C PRO C 12 28.28 -20.39 0.03
N ALA C 13 28.58 -19.28 -0.63
CA ALA C 13 27.74 -18.74 -1.70
C ALA C 13 26.96 -19.77 -2.51
N ARG C 14 27.59 -20.91 -2.83
CA ARG C 14 26.94 -21.94 -3.62
C ARG C 14 26.13 -22.98 -2.87
N GLU C 15 26.59 -23.36 -1.69
CA GLU C 15 25.84 -24.36 -0.92
C GLU C 15 24.49 -23.76 -0.55
N PHE C 16 24.52 -22.49 -0.17
CA PHE C 16 23.34 -21.76 0.25
C PHE C 16 22.27 -21.70 -0.84
N GLN C 17 22.60 -21.02 -1.94
CA GLN C 17 21.67 -20.90 -3.06
C GLN C 17 20.92 -22.21 -3.27
N ARG C 18 21.68 -23.27 -3.53
CA ARG C 18 21.12 -24.58 -3.77
C ARG C 18 20.09 -25.00 -2.73
N ASP C 19 20.45 -24.87 -1.45
CA ASP C 19 19.53 -25.24 -0.40
C ASP C 19 18.28 -24.35 -0.39
N LEU C 20 18.49 -23.06 -0.61
CA LEU C 20 17.40 -22.10 -0.62
C LEU C 20 16.50 -22.32 -1.82
N LEU C 21 17.07 -22.17 -3.02
CA LEU C 21 16.31 -22.33 -4.25
C LEU C 21 15.44 -23.60 -4.28
N ASP C 22 15.98 -24.71 -3.78
CA ASP C 22 15.25 -25.96 -3.75
C ASP C 22 14.03 -25.82 -2.86
N TRP C 23 14.27 -25.44 -1.61
CA TRP C 23 13.18 -25.24 -0.67
C TRP C 23 12.10 -24.38 -1.35
N PHE C 24 12.54 -23.37 -2.10
CA PHE C 24 11.62 -22.49 -2.78
C PHE C 24 10.77 -23.26 -3.75
N ALA C 25 11.42 -24.08 -4.58
CA ALA C 25 10.74 -24.87 -5.59
C ALA C 25 9.59 -25.71 -5.05
N ARG C 26 9.74 -26.29 -3.87
CA ARG C 26 8.68 -27.13 -3.35
C ARG C 26 7.79 -26.47 -2.34
N GLU C 27 8.21 -25.33 -1.80
CA GLU C 27 7.39 -24.67 -0.79
C GLU C 27 6.71 -23.35 -1.21
N ARG C 28 7.13 -22.78 -2.34
CA ARG C 28 6.58 -21.51 -2.81
C ARG C 28 5.07 -21.58 -2.99
N ARG C 29 4.38 -20.61 -2.41
CA ARG C 29 2.93 -20.55 -2.54
C ARG C 29 2.54 -20.27 -3.99
N ASP C 30 1.35 -20.73 -4.36
CA ASP C 30 0.82 -20.56 -5.70
C ASP C 30 0.01 -19.26 -5.71
N LEU C 31 0.70 -18.13 -5.64
CA LEU C 31 0.07 -16.82 -5.63
C LEU C 31 -0.29 -16.32 -7.02
N PRO C 32 -1.38 -15.55 -7.13
CA PRO C 32 -1.87 -14.98 -8.39
C PRO C 32 -0.78 -14.37 -9.29
N TRP C 33 0.01 -13.46 -8.75
CA TRP C 33 1.07 -12.83 -9.53
C TRP C 33 2.21 -13.77 -9.91
N ARG C 34 2.10 -15.03 -9.51
CA ARG C 34 3.16 -16.00 -9.83
C ARG C 34 2.78 -16.90 -11.00
N LYS C 35 1.62 -16.61 -11.62
CA LYS C 35 1.14 -17.39 -12.77
C LYS C 35 2.10 -17.23 -13.96
N ASP C 36 2.58 -16.01 -14.14
CA ASP C 36 3.53 -15.71 -15.21
C ASP C 36 4.56 -14.71 -14.69
N ARG C 37 5.52 -14.35 -15.54
CA ARG C 37 6.55 -13.38 -15.19
C ARG C 37 6.37 -12.08 -15.96
N ASP C 38 5.12 -11.77 -16.31
CA ASP C 38 4.81 -10.54 -17.03
C ASP C 38 5.18 -9.31 -16.17
N PRO C 39 6.04 -8.44 -16.71
CA PRO C 39 6.51 -7.22 -16.03
C PRO C 39 5.39 -6.37 -15.45
N TYR C 40 4.30 -6.25 -16.18
CA TYR C 40 3.20 -5.44 -15.69
C TYR C 40 2.61 -6.04 -14.41
N LYS C 41 2.25 -7.33 -14.49
CA LYS C 41 1.66 -8.06 -13.36
C LYS C 41 2.55 -7.99 -12.13
N VAL C 42 3.84 -8.29 -12.33
CA VAL C 42 4.82 -8.30 -11.24
C VAL C 42 4.90 -6.92 -10.58
N TRP C 43 5.10 -5.90 -11.40
CA TRP C 43 5.20 -4.53 -10.94
C TRP C 43 3.97 -4.13 -10.11
N VAL C 44 2.78 -4.48 -10.58
CA VAL C 44 1.56 -4.14 -9.86
C VAL C 44 1.45 -4.85 -8.51
N SER C 45 1.82 -6.12 -8.47
CA SER C 45 1.73 -6.87 -7.22
C SER C 45 2.79 -6.36 -6.25
N GLU C 46 3.99 -6.08 -6.76
CA GLU C 46 5.04 -5.59 -5.90
C GLU C 46 4.64 -4.27 -5.27
N VAL C 47 3.89 -3.43 -5.99
CA VAL C 47 3.47 -2.16 -5.42
C VAL C 47 2.34 -2.37 -4.40
N MET C 48 1.42 -3.30 -4.69
CA MET C 48 0.31 -3.56 -3.78
C MET C 48 0.80 -4.17 -2.49
N LEU C 49 1.89 -4.94 -2.57
CA LEU C 49 2.42 -5.63 -1.41
C LEU C 49 3.20 -4.76 -0.43
N GLN C 50 3.47 -3.51 -0.79
CA GLN C 50 4.21 -2.60 0.10
C GLN C 50 3.38 -2.29 1.37
N GLN C 51 3.92 -2.68 2.52
CA GLN C 51 3.25 -2.48 3.81
C GLN C 51 1.78 -2.97 3.80
N THR C 52 1.56 -4.12 3.16
CA THR C 52 0.22 -4.70 3.08
C THR C 52 0.38 -6.21 2.98
N ARG C 53 -0.43 -6.95 3.72
CA ARG C 53 -0.31 -8.41 3.71
C ARG C 53 -0.84 -9.10 2.48
N VAL C 54 -0.18 -10.19 2.09
CA VAL C 54 -0.56 -10.98 0.92
C VAL C 54 -2.02 -11.37 0.88
N GLU C 55 -2.55 -11.85 2.01
CA GLU C 55 -3.94 -12.25 2.09
C GLU C 55 -4.87 -11.09 1.74
N THR C 56 -4.51 -9.89 2.19
CA THR C 56 -5.31 -8.72 1.87
C THR C 56 -5.15 -8.32 0.41
N VAL C 57 -3.95 -8.47 -0.11
CA VAL C 57 -3.65 -8.11 -1.48
C VAL C 57 -4.25 -9.01 -2.55
N ILE C 58 -4.33 -10.31 -2.30
CA ILE C 58 -4.86 -11.24 -3.30
C ILE C 58 -6.16 -10.77 -3.99
N PRO C 59 -7.20 -10.48 -3.22
CA PRO C 59 -8.47 -10.02 -3.82
C PRO C 59 -8.28 -8.78 -4.70
N TYR C 60 -7.63 -7.75 -4.15
CA TYR C 60 -7.37 -6.50 -4.87
C TYR C 60 -6.59 -6.73 -6.15
N PHE C 61 -5.57 -7.58 -6.10
CA PHE C 61 -4.78 -7.83 -7.28
C PHE C 61 -5.66 -8.39 -8.37
N GLU C 62 -6.44 -9.39 -8.02
CA GLU C 62 -7.29 -10.03 -9.01
C GLU C 62 -8.28 -9.07 -9.64
N GLN C 63 -8.91 -8.25 -8.83
CA GLN C 63 -9.85 -7.29 -9.37
C GLN C 63 -9.07 -6.31 -10.23
N PHE C 64 -7.97 -5.78 -9.69
CA PHE C 64 -7.16 -4.80 -10.40
C PHE C 64 -6.76 -5.25 -11.80
N ILE C 65 -6.24 -6.46 -11.93
CA ILE C 65 -5.79 -6.97 -13.22
C ILE C 65 -6.97 -7.27 -14.14
N ASP C 66 -8.09 -7.71 -13.55
CA ASP C 66 -9.29 -8.03 -14.33
C ASP C 66 -9.71 -6.74 -15.01
N ARG C 67 -9.74 -5.66 -14.24
CA ARG C 67 -10.12 -4.35 -14.74
C ARG C 67 -9.03 -3.64 -15.57
N PHE C 68 -7.76 -3.90 -15.27
CA PHE C 68 -6.65 -3.27 -15.98
C PHE C 68 -5.69 -4.36 -16.43
N PRO C 69 -6.14 -5.20 -17.38
CA PRO C 69 -5.43 -6.33 -17.98
C PRO C 69 -3.97 -6.12 -18.36
N THR C 70 -3.68 -4.95 -18.91
CA THR C 70 -2.32 -4.65 -19.35
C THR C 70 -1.86 -3.25 -18.91
N LEU C 71 -0.56 -3.01 -19.05
CA LEU C 71 -0.01 -1.72 -18.70
C LEU C 71 -0.72 -0.62 -19.48
N GLU C 72 -1.03 -0.89 -20.74
CA GLU C 72 -1.71 0.10 -21.57
C GLU C 72 -3.12 0.40 -21.07
N ALA C 73 -3.85 -0.64 -20.70
CA ALA C 73 -5.21 -0.46 -20.21
C ALA C 73 -5.20 0.42 -18.97
N LEU C 74 -4.16 0.24 -18.15
CA LEU C 74 -4.02 1.02 -16.93
C LEU C 74 -3.65 2.44 -17.36
N ALA C 75 -2.71 2.54 -18.29
CA ALA C 75 -2.26 3.83 -18.77
C ALA C 75 -3.43 4.69 -19.24
N ASP C 76 -4.37 4.10 -19.98
CA ASP C 76 -5.51 4.85 -20.49
C ASP C 76 -6.66 5.16 -19.53
N ALA C 77 -6.78 4.42 -18.45
CA ALA C 77 -7.87 4.62 -17.51
C ALA C 77 -7.87 5.95 -16.76
N ASP C 78 -9.06 6.48 -16.51
CA ASP C 78 -9.21 7.73 -15.79
C ASP C 78 -8.65 7.42 -14.41
N GLU C 79 -7.96 8.35 -13.78
CA GLU C 79 -7.41 8.06 -12.47
C GLU C 79 -8.49 7.80 -11.42
N ASP C 80 -9.66 8.41 -11.56
CA ASP C 80 -10.73 8.19 -10.60
C ASP C 80 -11.05 6.70 -10.53
N GLU C 81 -11.05 6.05 -11.68
CA GLU C 81 -11.32 4.62 -11.71
C GLU C 81 -10.18 3.91 -10.99
N VAL C 82 -8.96 4.29 -11.33
CA VAL C 82 -7.77 3.70 -10.71
C VAL C 82 -7.90 3.74 -9.19
N LEU C 83 -8.23 4.90 -8.64
CA LEU C 83 -8.38 4.98 -7.19
C LEU C 83 -9.44 4.01 -6.71
N LYS C 84 -10.60 4.01 -7.36
CA LYS C 84 -11.68 3.13 -6.97
C LYS C 84 -11.19 1.69 -6.83
N ALA C 85 -10.31 1.29 -7.74
CA ALA C 85 -9.77 -0.06 -7.73
C ALA C 85 -8.86 -0.29 -6.52
N TRP C 86 -8.34 0.80 -5.95
CA TRP C 86 -7.43 0.73 -4.82
C TRP C 86 -8.16 0.99 -3.51
N GLU C 87 -9.42 1.39 -3.60
CA GLU C 87 -10.22 1.73 -2.42
C GLU C 87 -10.11 0.71 -1.30
N GLY C 88 -9.61 1.15 -0.15
CA GLY C 88 -9.47 0.28 1.00
C GLY C 88 -8.09 -0.32 1.17
N LEU C 89 -7.22 -0.17 0.18
CA LEU C 89 -5.90 -0.74 0.27
C LEU C 89 -4.94 0.09 1.13
N GLY C 90 -5.16 1.40 1.21
CA GLY C 90 -4.29 2.24 2.03
C GLY C 90 -3.07 2.79 1.30
N TYR C 91 -2.47 3.86 1.84
CA TYR C 91 -1.31 4.47 1.19
C TYR C 91 -1.63 4.64 -0.29
N TYR C 92 -2.76 5.27 -0.56
CA TYR C 92 -3.27 5.50 -1.92
C TYR C 92 -2.31 6.19 -2.90
N SER C 93 -1.33 6.90 -2.37
CA SER C 93 -0.35 7.58 -3.19
C SER C 93 0.38 6.56 -4.09
N ARG C 94 0.47 5.30 -3.63
CA ARG C 94 1.13 4.24 -4.37
C ARG C 94 0.51 4.02 -5.76
N VAL C 95 -0.80 4.01 -5.82
CA VAL C 95 -1.46 3.77 -7.11
C VAL C 95 -1.38 5.00 -8.00
N ARG C 96 -1.35 6.19 -7.41
CA ARG C 96 -1.22 7.40 -8.21
C ARG C 96 0.17 7.37 -8.85
N ASN C 97 1.18 6.99 -8.07
CA ASN C 97 2.54 6.88 -8.60
C ASN C 97 2.64 5.80 -9.70
N LEU C 98 1.93 4.70 -9.53
CA LEU C 98 1.97 3.62 -10.51
C LEU C 98 1.21 4.05 -11.76
N HIS C 99 0.15 4.83 -11.57
CA HIS C 99 -0.63 5.28 -12.72
C HIS C 99 0.23 6.19 -13.58
N ALA C 100 1.03 7.03 -12.94
CA ALA C 100 1.91 7.96 -13.65
C ALA C 100 3.02 7.17 -14.34
N ALA C 101 3.72 6.36 -13.55
CA ALA C 101 4.81 5.55 -14.08
C ALA C 101 4.39 4.82 -15.35
N VAL C 102 3.18 4.26 -15.32
CA VAL C 102 2.67 3.52 -16.46
C VAL C 102 2.42 4.45 -17.65
N LYS C 103 1.72 5.56 -17.41
CA LYS C 103 1.47 6.53 -18.47
C LYS C 103 2.81 6.92 -19.09
N GLU C 104 3.85 7.00 -18.27
CA GLU C 104 5.17 7.36 -18.76
C GLU C 104 5.70 6.24 -19.63
N VAL C 105 5.52 4.99 -19.19
CA VAL C 105 6.02 3.85 -19.96
C VAL C 105 5.32 3.67 -21.30
N LYS C 106 4.04 4.04 -21.35
CA LYS C 106 3.29 3.92 -22.59
C LYS C 106 3.77 4.98 -23.58
N THR C 107 3.73 6.23 -23.15
CA THR C 107 4.14 7.35 -23.97
C THR C 107 5.62 7.33 -24.35
N ARG C 108 6.50 7.55 -23.38
CA ARG C 108 7.93 7.59 -23.69
C ARG C 108 8.71 6.29 -23.72
N TYR C 109 8.04 5.15 -23.67
CA TYR C 109 8.79 3.89 -23.73
C TYR C 109 8.16 2.80 -24.59
N GLY C 110 7.14 3.16 -25.35
CA GLY C 110 6.50 2.21 -26.23
C GLY C 110 5.80 1.07 -25.51
N GLY C 111 5.19 1.40 -24.36
CA GLY C 111 4.47 0.41 -23.58
C GLY C 111 5.32 -0.73 -23.06
N LYS C 112 6.63 -0.64 -23.23
CA LYS C 112 7.54 -1.69 -22.77
C LYS C 112 8.34 -1.25 -21.55
N VAL C 113 8.02 -1.85 -20.41
CA VAL C 113 8.69 -1.54 -19.16
C VAL C 113 10.20 -1.71 -19.28
N PRO C 114 10.97 -0.64 -18.97
CA PRO C 114 12.42 -0.66 -19.04
C PRO C 114 12.99 -1.89 -18.33
N ASP C 115 14.11 -2.41 -18.81
CA ASP C 115 14.73 -3.55 -18.17
C ASP C 115 16.09 -3.10 -17.69
N ASP C 116 16.29 -1.79 -17.71
CA ASP C 116 17.53 -1.18 -17.26
C ASP C 116 17.26 -0.44 -15.94
N PRO C 117 17.89 -0.91 -14.85
CA PRO C 117 17.74 -0.33 -13.50
C PRO C 117 17.59 1.19 -13.53
N ASP C 118 18.63 1.85 -14.01
CA ASP C 118 18.65 3.30 -14.07
C ASP C 118 17.37 3.83 -14.71
N GLU C 119 16.95 3.17 -15.78
CA GLU C 119 15.76 3.60 -16.51
C GLU C 119 14.47 3.40 -15.71
N PHE C 120 14.19 2.15 -15.36
CA PHE C 120 12.99 1.79 -14.61
C PHE C 120 12.92 2.59 -13.31
N SER C 121 14.10 2.84 -12.74
CA SER C 121 14.20 3.56 -11.49
C SER C 121 13.72 5.00 -11.51
N ARG C 122 13.75 5.64 -12.68
CA ARG C 122 13.33 7.03 -12.75
C ARG C 122 11.82 7.20 -12.70
N LEU C 123 11.08 6.12 -12.94
CA LEU C 123 9.62 6.16 -12.92
C LEU C 123 9.12 6.42 -11.49
N LYS C 124 7.98 7.08 -11.36
CA LYS C 124 7.43 7.36 -10.03
C LYS C 124 7.07 6.08 -9.29
N GLY C 125 7.30 6.11 -7.97
CA GLY C 125 6.97 4.97 -7.12
C GLY C 125 7.99 3.85 -7.09
N VAL C 126 8.97 3.91 -7.98
CA VAL C 126 9.98 2.86 -8.06
C VAL C 126 11.26 3.12 -7.27
N GLY C 127 11.30 2.65 -6.03
CA GLY C 127 12.48 2.84 -5.22
C GLY C 127 13.45 1.69 -5.41
N PRO C 128 14.55 1.65 -4.65
CA PRO C 128 15.55 0.58 -4.75
C PRO C 128 14.98 -0.83 -4.68
N TYR C 129 14.00 -1.03 -3.81
CA TYR C 129 13.39 -2.34 -3.69
C TYR C 129 12.60 -2.73 -4.95
N THR C 130 11.73 -1.85 -5.42
CA THR C 130 10.92 -2.16 -6.58
C THR C 130 11.77 -2.44 -7.83
N VAL C 131 12.80 -1.62 -8.03
CA VAL C 131 13.72 -1.80 -9.16
C VAL C 131 14.24 -3.23 -9.17
N GLY C 132 14.68 -3.70 -8.01
CA GLY C 132 15.22 -5.03 -7.92
C GLY C 132 14.21 -6.16 -7.96
N ALA C 133 13.04 -5.94 -7.36
CA ALA C 133 12.03 -6.98 -7.37
C ALA C 133 11.51 -7.19 -8.78
N VAL C 134 11.02 -6.11 -9.38
CA VAL C 134 10.48 -6.18 -10.74
C VAL C 134 11.47 -6.66 -11.81
N LEU C 135 12.62 -6.00 -11.91
CA LEU C 135 13.61 -6.38 -12.91
C LEU C 135 14.25 -7.74 -12.67
N SER C 136 14.38 -8.15 -11.41
CA SER C 136 14.98 -9.45 -11.18
C SER C 136 13.99 -10.59 -11.44
N LEU C 137 12.76 -10.49 -10.92
CA LEU C 137 11.79 -11.58 -11.11
C LEU C 137 11.22 -11.66 -12.53
N ALA C 138 11.07 -10.51 -13.18
CA ALA C 138 10.48 -10.49 -14.52
C ALA C 138 11.48 -10.47 -15.65
N TYR C 139 12.63 -9.84 -15.43
CA TYR C 139 13.65 -9.74 -16.47
C TYR C 139 14.96 -10.43 -16.17
N GLY C 140 15.11 -10.97 -14.97
CA GLY C 140 16.35 -11.65 -14.64
C GLY C 140 17.54 -10.72 -14.35
N VAL C 141 17.32 -9.41 -14.35
CA VAL C 141 18.42 -8.48 -14.07
C VAL C 141 18.89 -8.80 -12.65
N PRO C 142 20.19 -9.08 -12.48
CA PRO C 142 20.81 -9.41 -11.19
C PRO C 142 20.78 -8.37 -10.07
N GLU C 143 19.90 -7.38 -10.13
CA GLU C 143 19.84 -6.39 -9.04
C GLU C 143 19.13 -6.96 -7.81
N PRO C 144 19.63 -6.63 -6.61
CA PRO C 144 19.01 -7.12 -5.37
C PRO C 144 17.66 -6.49 -5.05
N ALA C 145 16.82 -7.27 -4.38
CA ALA C 145 15.48 -6.80 -4.00
C ALA C 145 15.36 -6.92 -2.48
N VAL C 146 15.84 -5.91 -1.76
CA VAL C 146 15.82 -5.93 -0.31
C VAL C 146 14.69 -5.16 0.36
N ASN C 147 13.82 -5.89 1.04
CA ASN C 147 12.71 -5.29 1.74
C ASN C 147 12.77 -5.71 3.21
N GLY C 148 11.65 -5.59 3.92
CA GLY C 148 11.61 -5.95 5.31
C GLY C 148 11.96 -7.40 5.57
N ASN C 149 11.29 -8.32 4.88
CA ASN C 149 11.53 -9.75 5.04
C ASN C 149 12.99 -10.07 4.79
N VAL C 150 13.48 -9.67 3.63
CA VAL C 150 14.86 -9.94 3.26
C VAL C 150 15.81 -9.47 4.35
N MET C 151 15.58 -8.24 4.84
CA MET C 151 16.43 -7.70 5.88
C MET C 151 16.35 -8.52 7.15
N ARG C 152 15.19 -9.10 7.42
CA ARG C 152 15.06 -9.92 8.61
C ARG C 152 15.90 -11.19 8.38
N VAL C 153 15.69 -11.83 7.25
CA VAL C 153 16.44 -13.04 6.92
C VAL C 153 17.95 -12.80 6.96
N LEU C 154 18.42 -11.83 6.19
CA LEU C 154 19.85 -11.52 6.14
C LEU C 154 20.42 -11.10 7.49
N SER C 155 19.67 -10.30 8.25
CA SER C 155 20.18 -9.84 9.53
C SER C 155 20.41 -11.00 10.48
N ARG C 156 19.65 -12.08 10.32
CA ARG C 156 19.81 -13.24 11.18
C ARG C 156 20.91 -14.15 10.63
N LEU C 157 20.84 -14.41 9.34
CA LEU C 157 21.84 -15.26 8.71
C LEU C 157 23.24 -14.76 9.04
N PHE C 158 23.47 -13.47 8.81
CA PHE C 158 24.79 -12.88 9.04
C PHE C 158 24.95 -12.12 10.34
N LEU C 159 23.93 -12.19 11.18
CA LEU C 159 23.98 -11.55 12.49
C LEU C 159 24.22 -10.03 12.50
N VAL C 160 23.77 -9.33 11.46
CA VAL C 160 23.92 -7.88 11.40
C VAL C 160 22.97 -7.23 12.43
N THR C 161 23.52 -6.39 13.28
CA THR C 161 22.74 -5.74 14.32
C THR C 161 22.50 -4.26 14.08
N ASP C 162 22.73 -3.78 12.86
CA ASP C 162 22.51 -2.38 12.55
C ASP C 162 21.00 -2.13 12.41
N ASP C 163 20.57 -0.91 12.73
CA ASP C 163 19.16 -0.57 12.63
C ASP C 163 18.73 -0.69 11.16
N ILE C 164 17.78 -1.58 10.89
CA ILE C 164 17.32 -1.76 9.52
C ILE C 164 16.51 -0.57 9.03
N ALA C 165 16.41 0.48 9.85
CA ALA C 165 15.68 1.69 9.47
C ALA C 165 16.62 2.56 8.65
N LYS C 166 17.91 2.49 8.98
CA LYS C 166 18.94 3.27 8.30
C LYS C 166 19.11 2.81 6.86
N PRO C 167 18.76 3.67 5.88
CA PRO C 167 18.93 3.25 4.49
C PRO C 167 20.34 2.69 4.30
N SER C 168 21.24 3.11 5.18
CA SER C 168 22.63 2.66 5.15
C SER C 168 22.63 1.14 5.32
N THR C 169 21.86 0.68 6.30
CA THR C 169 21.77 -0.75 6.56
C THR C 169 21.22 -1.42 5.30
N ARG C 170 20.22 -0.79 4.69
CA ARG C 170 19.62 -1.33 3.47
C ARG C 170 20.70 -1.56 2.42
N LYS C 171 21.71 -0.69 2.40
CA LYS C 171 22.78 -0.81 1.44
C LYS C 171 23.74 -1.94 1.80
N ARG C 172 24.07 -2.07 3.08
CA ARG C 172 24.96 -3.16 3.49
C ARG C 172 24.27 -4.48 3.14
N PHE C 173 22.98 -4.59 3.46
CA PHE C 173 22.22 -5.79 3.14
C PHE C 173 22.21 -6.02 1.64
N GLU C 174 22.09 -4.93 0.89
CA GLU C 174 22.08 -5.02 -0.57
C GLU C 174 23.44 -5.50 -1.06
N GLN C 175 24.50 -5.00 -0.43
CA GLN C 175 25.85 -5.41 -0.79
C GLN C 175 25.97 -6.90 -0.48
N ILE C 176 25.41 -7.32 0.66
CA ILE C 176 25.49 -8.72 1.05
C ILE C 176 24.74 -9.62 0.06
N VAL C 177 23.77 -9.06 -0.65
CA VAL C 177 23.01 -9.82 -1.63
C VAL C 177 23.78 -9.97 -2.95
N ARG C 178 24.47 -8.91 -3.34
CA ARG C 178 25.24 -8.94 -4.58
C ARG C 178 26.34 -10.00 -4.57
N GLU C 179 26.77 -10.41 -3.38
CA GLU C 179 27.84 -11.39 -3.27
C GLU C 179 27.41 -12.84 -3.04
N ILE C 180 26.19 -13.06 -2.57
CA ILE C 180 25.75 -14.43 -2.34
C ILE C 180 24.63 -14.92 -3.25
N MET C 181 23.95 -14.00 -3.91
CA MET C 181 22.85 -14.39 -4.78
C MET C 181 23.32 -15.37 -5.84
N ALA C 182 22.36 -16.01 -6.50
CA ALA C 182 22.67 -16.96 -7.56
C ALA C 182 22.53 -16.20 -8.87
N TYR C 183 23.62 -15.59 -9.30
CA TYR C 183 23.62 -14.81 -10.54
C TYR C 183 23.06 -15.54 -11.76
N GLU C 184 22.93 -16.86 -11.65
CA GLU C 184 22.38 -17.65 -12.74
C GLU C 184 20.86 -17.47 -12.82
N ASN C 185 20.24 -17.28 -11.67
CA ASN C 185 18.79 -17.13 -11.59
C ASN C 185 18.39 -16.16 -10.45
N PRO C 186 18.65 -14.86 -10.64
CA PRO C 186 18.34 -13.81 -9.67
C PRO C 186 16.88 -13.73 -9.20
N GLY C 187 15.96 -13.72 -10.15
CA GLY C 187 14.55 -13.64 -9.81
C GLY C 187 14.11 -14.69 -8.81
N ALA C 188 14.55 -15.94 -8.98
CA ALA C 188 14.13 -16.97 -8.05
C ALA C 188 14.86 -16.83 -6.74
N PHE C 189 16.11 -16.41 -6.80
CA PHE C 189 16.88 -16.23 -5.59
C PHE C 189 16.22 -15.13 -4.76
N ASN C 190 15.86 -14.05 -5.41
CA ASN C 190 15.22 -12.92 -4.73
C ASN C 190 13.86 -13.26 -4.15
N GLU C 191 13.02 -13.99 -4.89
CA GLU C 191 11.72 -14.36 -4.35
C GLU C 191 11.87 -15.43 -3.27
N ALA C 192 12.85 -16.32 -3.45
CA ALA C 192 13.07 -17.39 -2.49
C ALA C 192 13.37 -16.78 -1.14
N LEU C 193 14.28 -15.82 -1.14
CA LEU C 193 14.65 -15.11 0.09
C LEU C 193 13.39 -14.47 0.71
N ILE C 194 12.51 -13.93 -0.13
CA ILE C 194 11.30 -13.29 0.37
C ILE C 194 10.27 -14.30 0.92
N GLU C 195 10.12 -15.45 0.25
CA GLU C 195 9.18 -16.47 0.74
C GLU C 195 9.68 -16.93 2.10
N LEU C 196 10.98 -17.24 2.17
CA LEU C 196 11.59 -17.72 3.41
C LEU C 196 11.26 -16.82 4.58
N GLY C 197 11.39 -15.52 4.36
CA GLY C 197 11.08 -14.60 5.44
C GLY C 197 9.60 -14.60 5.73
N ALA C 198 8.81 -14.97 4.72
CA ALA C 198 7.36 -15.01 4.86
C ALA C 198 6.82 -16.29 5.48
N LEU C 199 7.44 -17.43 5.19
CA LEU C 199 6.95 -18.71 5.72
C LEU C 199 7.83 -19.38 6.76
N VAL C 200 9.07 -18.94 6.89
CA VAL C 200 9.97 -19.58 7.83
C VAL C 200 10.59 -18.63 8.84
N CYS C 201 11.45 -17.75 8.33
CA CYS C 201 12.16 -16.77 9.14
C CYS C 201 11.23 -15.61 9.47
N THR C 202 10.15 -15.94 10.14
CA THR C 202 9.13 -14.97 10.53
C THR C 202 9.56 -14.00 11.64
N PRO C 203 8.86 -12.85 11.73
CA PRO C 203 9.15 -11.83 12.74
C PRO C 203 9.23 -12.44 14.13
N ARG C 204 8.20 -13.18 14.52
CA ARG C 204 8.17 -13.85 15.83
C ARG C 204 8.21 -15.35 15.65
N ARG C 205 8.78 -16.03 16.64
CA ARG C 205 8.91 -17.49 16.63
C ARG C 205 9.35 -18.04 15.28
N PRO C 206 10.52 -17.60 14.79
CA PRO C 206 10.99 -18.11 13.49
C PRO C 206 11.19 -19.62 13.59
N SER C 207 10.84 -20.35 12.54
CA SER C 207 10.97 -21.80 12.55
C SER C 207 12.33 -22.26 12.06
N CYS C 208 13.35 -22.00 12.86
CA CYS C 208 14.72 -22.36 12.51
C CYS C 208 14.92 -23.87 12.41
N LEU C 209 14.35 -24.62 13.35
CA LEU C 209 14.51 -26.07 13.34
C LEU C 209 14.21 -26.69 11.97
N LEU C 210 13.25 -26.13 11.25
CA LEU C 210 12.88 -26.64 9.93
C LEU C 210 13.33 -25.76 8.75
N CYS C 211 14.15 -24.75 9.01
CA CYS C 211 14.61 -23.88 7.94
C CYS C 211 15.59 -24.53 6.96
N PRO C 212 15.37 -24.37 5.65
CA PRO C 212 16.24 -24.95 4.64
C PRO C 212 17.67 -24.41 4.64
N VAL C 213 17.92 -23.35 5.39
CA VAL C 213 19.27 -22.78 5.44
C VAL C 213 19.74 -22.60 6.88
N GLN C 214 19.08 -23.28 7.81
CA GLN C 214 19.42 -23.21 9.22
C GLN C 214 20.92 -23.27 9.37
N ALA C 215 21.54 -24.19 8.63
CA ALA C 215 22.98 -24.35 8.68
C ALA C 215 23.66 -22.99 8.71
N TYR C 216 23.82 -22.42 7.52
CA TYR C 216 24.47 -21.12 7.34
C TYR C 216 24.02 -19.98 8.23
N CYS C 217 23.17 -20.23 9.21
CA CYS C 217 22.69 -19.13 10.04
C CYS C 217 23.42 -18.84 11.34
N GLN C 218 24.21 -17.79 11.33
CA GLN C 218 24.95 -17.37 12.50
C GLN C 218 24.00 -17.11 13.66
N ALA C 219 22.85 -16.51 13.36
CA ALA C 219 21.89 -16.19 14.41
C ALA C 219 21.31 -17.40 15.13
N PHE C 220 21.11 -18.51 14.42
CA PHE C 220 20.58 -19.71 15.06
C PHE C 220 21.67 -20.24 15.98
N ALA C 221 22.89 -20.31 15.45
CA ALA C 221 24.04 -20.79 16.20
C ALA C 221 24.18 -20.06 17.54
N GLU C 222 23.88 -18.76 17.57
CA GLU C 222 24.01 -17.98 18.80
C GLU C 222 22.73 -17.88 19.65
N GLY C 223 21.64 -18.48 19.19
CA GLY C 223 20.40 -18.42 19.96
C GLY C 223 19.78 -17.04 20.07
N VAL C 224 20.11 -16.14 19.14
CA VAL C 224 19.56 -14.78 19.18
C VAL C 224 18.62 -14.44 18.02
N ALA C 225 18.28 -15.43 17.20
CA ALA C 225 17.41 -15.20 16.04
C ALA C 225 16.15 -14.38 16.34
N GLU C 226 15.50 -14.65 17.47
CA GLU C 226 14.28 -13.93 17.82
C GLU C 226 14.54 -12.48 18.24
N GLU C 227 15.81 -12.12 18.41
CA GLU C 227 16.15 -10.76 18.81
C GLU C 227 16.48 -9.88 17.61
N LEU C 228 16.63 -10.49 16.44
CA LEU C 228 16.90 -9.76 15.21
C LEU C 228 15.64 -9.67 14.35
N PRO C 229 15.56 -8.64 13.47
CA PRO C 229 16.56 -7.61 13.26
C PRO C 229 16.37 -6.49 14.26
N VAL C 230 17.35 -5.59 14.35
CA VAL C 230 17.25 -4.48 15.27
C VAL C 230 16.41 -3.39 14.60
N LYS C 231 15.32 -3.01 15.25
CA LYS C 231 14.44 -1.97 14.72
C LYS C 231 14.11 -0.96 15.81
N MET C 232 13.98 0.31 15.44
CA MET C 232 13.62 1.34 16.41
C MET C 232 12.12 1.29 16.61
N LYS C 233 11.66 1.45 17.85
CA LYS C 233 10.23 1.40 18.16
C LYS C 233 9.50 2.67 17.70
N LYS C 234 8.42 2.47 16.93
CA LYS C 234 7.62 3.58 16.41
C LYS C 234 7.22 4.55 17.53
N THR C 235 7.21 5.84 17.21
CA THR C 235 6.83 6.87 18.17
C THR C 235 5.31 6.97 18.31
N ALA C 236 4.85 7.87 19.18
CA ALA C 236 3.42 8.06 19.39
C ALA C 236 2.90 8.95 18.26
N VAL C 237 1.65 8.76 17.87
CA VAL C 237 1.06 9.56 16.80
C VAL C 237 0.13 10.63 17.36
N LYS C 238 0.02 11.72 16.61
CA LYS C 238 -0.84 12.83 16.98
C LYS C 238 -2.31 12.39 16.90
N GLN C 239 -3.13 12.90 17.81
CA GLN C 239 -4.55 12.59 17.82
C GLN C 239 -5.24 13.82 17.23
N VAL C 240 -6.09 13.60 16.23
CA VAL C 240 -6.76 14.73 15.60
C VAL C 240 -8.27 14.57 15.48
N PRO C 241 -9.03 15.44 16.18
CA PRO C 241 -10.50 15.40 16.15
C PRO C 241 -10.97 15.93 14.79
N LEU C 242 -12.05 15.37 14.26
CA LEU C 242 -12.54 15.82 12.97
C LEU C 242 -14.06 15.82 12.87
N ALA C 243 -14.62 16.95 12.44
CA ALA C 243 -16.06 17.08 12.29
C ALA C 243 -16.40 16.72 10.86
N VAL C 244 -17.41 15.87 10.70
CA VAL C 244 -17.83 15.43 9.38
C VAL C 244 -19.32 15.69 9.20
N ALA C 245 -19.69 16.27 8.06
CA ALA C 245 -21.09 16.58 7.79
C ALA C 245 -21.71 15.68 6.72
N VAL C 246 -22.82 15.03 7.06
CA VAL C 246 -23.53 14.19 6.11
C VAL C 246 -24.80 14.95 5.72
N LEU C 247 -24.72 15.71 4.63
CA LEU C 247 -25.83 16.53 4.14
C LEU C 247 -26.67 15.87 3.04
N ALA C 248 -27.98 15.82 3.27
CA ALA C 248 -28.88 15.21 2.29
C ALA C 248 -29.95 16.19 1.77
N ASP C 249 -30.33 16.00 0.51
CA ASP C 249 -31.35 16.81 -0.13
C ASP C 249 -32.70 16.29 0.33
N ASP C 250 -33.75 16.73 -0.34
CA ASP C 250 -35.09 16.29 -0.02
C ASP C 250 -35.31 15.04 -0.87
N GLU C 251 -34.64 15.00 -2.02
CA GLU C 251 -34.75 13.87 -2.95
C GLU C 251 -33.74 12.76 -2.67
N GLY C 252 -33.00 12.88 -1.59
CA GLY C 252 -32.02 11.87 -1.23
C GLY C 252 -30.69 11.98 -1.95
N ARG C 253 -30.04 13.13 -1.78
CA ARG C 253 -28.74 13.37 -2.39
C ARG C 253 -27.80 13.92 -1.32
N VAL C 254 -26.59 13.37 -1.25
CA VAL C 254 -25.62 13.80 -0.26
C VAL C 254 -24.53 14.68 -0.87
N LEU C 255 -23.94 15.52 -0.04
CA LEU C 255 -22.88 16.42 -0.46
C LEU C 255 -21.52 15.82 -0.19
N ILE C 256 -20.69 15.76 -1.23
CA ILE C 256 -19.36 15.22 -1.08
C ILE C 256 -18.39 16.10 -1.84
N ARG C 257 -17.10 15.95 -1.55
CA ARG C 257 -16.08 16.74 -2.22
C ARG C 257 -14.86 15.86 -2.50
N LYS C 258 -14.05 16.25 -3.46
CA LYS C 258 -12.85 15.50 -3.77
C LYS C 258 -11.71 16.13 -3.02
N ARG C 259 -11.07 15.37 -2.14
CA ARG C 259 -9.96 15.87 -1.34
C ARG C 259 -8.86 16.46 -2.22
N ASP C 260 -8.04 17.31 -1.62
CA ASP C 260 -6.94 17.96 -2.32
C ASP C 260 -5.97 16.92 -2.90
N SER C 261 -5.44 17.21 -4.08
CA SER C 261 -4.52 16.32 -4.79
C SER C 261 -3.14 16.14 -4.14
N THR C 262 -2.91 16.81 -3.02
CA THR C 262 -1.62 16.71 -2.37
C THR C 262 -1.76 16.53 -0.86
N GLY C 263 -1.12 15.49 -0.33
CA GLY C 263 -1.20 15.26 1.10
C GLY C 263 -2.06 14.07 1.47
N LEU C 264 -2.73 14.16 2.61
CA LEU C 264 -3.56 13.07 3.09
C LEU C 264 -4.68 12.66 2.14
N LEU C 265 -4.93 11.35 2.08
CA LEU C 265 -5.96 10.76 1.23
C LEU C 265 -6.19 11.55 -0.07
N ALA C 266 -5.10 11.94 -0.71
CA ALA C 266 -5.14 12.71 -1.94
C ALA C 266 -6.05 12.17 -3.06
N ASN C 267 -6.92 13.02 -3.57
CA ASN C 267 -7.83 12.68 -4.66
C ASN C 267 -8.98 11.75 -4.35
N LEU C 268 -9.11 11.34 -3.09
CA LEU C 268 -10.21 10.46 -2.72
C LEU C 268 -11.38 11.35 -2.26
N TRP C 269 -12.60 10.90 -2.49
CA TRP C 269 -13.77 11.68 -2.10
C TRP C 269 -14.10 11.48 -0.63
N GLU C 270 -14.86 12.41 -0.07
CA GLU C 270 -15.21 12.34 1.34
C GLU C 270 -16.39 13.23 1.65
N PHE C 271 -16.88 13.13 2.89
CA PHE C 271 -17.97 13.95 3.34
C PHE C 271 -17.34 15.19 3.95
N PRO C 272 -17.88 16.38 3.64
CA PRO C 272 -17.34 17.64 4.16
C PRO C 272 -16.87 17.52 5.61
N SER C 273 -15.61 17.88 5.85
CA SER C 273 -15.06 17.79 7.19
C SER C 273 -14.08 18.92 7.48
N CYS C 274 -13.68 19.03 8.74
CA CYS C 274 -12.73 20.05 9.14
C CYS C 274 -12.20 19.69 10.53
N GLU C 275 -10.98 20.12 10.82
CA GLU C 275 -10.37 19.85 12.11
C GLU C 275 -11.12 20.67 13.15
N THR C 276 -11.32 20.11 14.34
CA THR C 276 -12.03 20.82 15.40
C THR C 276 -11.08 21.08 16.56
N ASP C 277 -9.80 21.21 16.23
CA ASP C 277 -8.75 21.46 17.23
C ASP C 277 -8.90 20.57 18.46
N ASP C 280 -14.85 23.43 19.15
CA ASP C 280 -15.14 23.87 17.79
C ASP C 280 -16.50 23.36 17.34
N GLY C 281 -16.93 22.26 17.95
CA GLY C 281 -18.21 21.64 17.65
C GLY C 281 -18.74 21.74 16.23
N LYS C 282 -20.05 21.69 16.10
CA LYS C 282 -20.73 21.76 14.82
C LYS C 282 -20.65 23.18 14.28
N GLU C 283 -20.23 24.11 15.12
CA GLU C 283 -20.10 25.51 14.71
C GLU C 283 -19.00 25.64 13.67
N LYS C 284 -17.80 25.16 14.01
CA LYS C 284 -16.66 25.23 13.11
C LYS C 284 -16.99 24.55 11.78
N LEU C 285 -17.72 23.44 11.85
CA LEU C 285 -18.10 22.69 10.66
C LEU C 285 -19.19 23.41 9.88
N GLU C 286 -20.23 23.86 10.61
CA GLU C 286 -21.35 24.57 10.01
C GLU C 286 -20.90 25.84 9.27
N GLN C 287 -19.79 26.42 9.72
CA GLN C 287 -19.24 27.61 9.10
C GLN C 287 -18.66 27.27 7.73
N MET C 288 -17.80 26.26 7.70
CA MET C 288 -17.17 25.81 6.46
C MET C 288 -18.18 25.57 5.36
N VAL C 289 -19.39 25.17 5.77
CA VAL C 289 -20.46 24.91 4.81
C VAL C 289 -20.61 26.05 3.82
N GLY C 290 -20.42 27.29 4.29
CA GLY C 290 -20.54 28.44 3.41
C GLY C 290 -19.27 29.26 3.34
N LEU C 295 -23.77 28.28 0.81
CA LEU C 295 -24.22 26.91 1.01
C LEU C 295 -25.71 26.83 1.35
N GLN C 296 -26.00 26.56 2.61
CA GLN C 296 -27.38 26.47 3.08
C GLN C 296 -27.67 25.13 3.75
N VAL C 297 -26.91 24.81 4.80
CA VAL C 297 -27.07 23.56 5.52
C VAL C 297 -27.36 23.75 7.00
N GLU C 298 -28.24 22.91 7.55
CA GLU C 298 -28.62 22.97 8.95
C GLU C 298 -28.23 21.65 9.61
N LEU C 299 -27.35 21.71 10.61
CA LEU C 299 -26.90 20.49 11.29
C LEU C 299 -27.53 20.33 12.67
N THR C 300 -27.55 19.08 13.14
CA THR C 300 -28.11 18.74 14.45
C THR C 300 -27.07 18.04 15.32
N GLU C 301 -27.55 17.32 16.34
CA GLU C 301 -26.68 16.59 17.26
C GLU C 301 -25.90 15.47 16.57
N PRO C 302 -24.66 15.20 17.04
CA PRO C 302 -23.77 14.16 16.52
C PRO C 302 -24.39 12.76 16.46
N ILE C 303 -24.46 12.19 15.27
CA ILE C 303 -25.01 10.85 15.10
C ILE C 303 -24.16 9.84 15.89
N VAL C 304 -22.83 10.03 15.87
CA VAL C 304 -21.91 9.15 16.56
C VAL C 304 -20.47 9.66 16.49
N SER C 305 -19.60 9.09 17.32
CA SER C 305 -18.19 9.45 17.34
C SER C 305 -17.33 8.18 17.41
N PHE C 306 -16.38 8.06 16.49
CA PHE C 306 -15.47 6.91 16.45
C PHE C 306 -14.07 7.32 15.97
N GLU C 307 -13.08 6.50 16.28
CA GLU C 307 -11.70 6.77 15.87
C GLU C 307 -11.37 6.10 14.54
N HIS C 308 -10.14 6.28 14.08
CA HIS C 308 -9.67 5.69 12.83
C HIS C 308 -8.19 6.01 12.69
N ALA C 309 -7.36 5.01 12.92
CA ALA C 309 -5.91 5.18 12.89
C ALA C 309 -5.23 5.24 11.54
N PHE C 310 -4.17 6.04 11.51
CA PHE C 310 -3.32 6.21 10.34
C PHE C 310 -1.95 5.81 10.86
N SER C 311 -0.94 5.91 10.02
CA SER C 311 0.41 5.56 10.45
C SER C 311 0.93 6.67 11.34
N HIS C 312 0.72 7.91 10.92
CA HIS C 312 1.21 9.08 11.65
C HIS C 312 0.20 9.88 12.48
N LEU C 313 -1.03 9.40 12.60
CA LEU C 313 -2.03 10.11 13.39
C LEU C 313 -3.35 9.37 13.52
N VAL C 314 -4.20 9.81 14.44
CA VAL C 314 -5.49 9.17 14.65
C VAL C 314 -6.63 10.19 14.59
N TRP C 315 -7.59 9.91 13.72
CA TRP C 315 -8.75 10.77 13.55
C TRP C 315 -9.83 10.51 14.58
N GLN C 316 -10.22 11.56 15.28
CA GLN C 316 -11.29 11.49 16.27
C GLN C 316 -12.50 12.03 15.49
N LEU C 317 -13.27 11.12 14.92
CA LEU C 317 -14.43 11.51 14.11
C LEU C 317 -15.73 11.66 14.88
N THR C 318 -16.56 12.58 14.39
CA THR C 318 -17.86 12.87 14.97
C THR C 318 -18.78 13.23 13.81
N VAL C 319 -19.81 12.41 13.58
CA VAL C 319 -20.75 12.63 12.49
C VAL C 319 -21.86 13.61 12.88
N PHE C 320 -22.23 14.47 11.94
CA PHE C 320 -23.27 15.47 12.14
C PHE C 320 -24.28 15.40 11.00
N PRO C 321 -25.51 14.95 11.30
CA PRO C 321 -26.54 14.87 10.25
C PRO C 321 -26.96 16.27 9.82
N GLY C 322 -27.68 16.38 8.70
CA GLY C 322 -28.10 17.69 8.25
C GLY C 322 -28.84 17.72 6.91
N ARG C 323 -29.73 18.71 6.77
CA ARG C 323 -30.52 18.90 5.54
C ARG C 323 -29.88 19.97 4.68
N LEU C 324 -29.83 19.72 3.37
CA LEU C 324 -29.23 20.66 2.43
C LEU C 324 -30.25 21.38 1.57
N VAL C 325 -30.57 22.61 1.92
CA VAL C 325 -31.51 23.39 1.12
C VAL C 325 -30.68 24.10 0.05
N HIS C 326 -31.16 24.07 -1.20
CA HIS C 326 -30.42 24.70 -2.29
C HIS C 326 -30.52 26.22 -2.32
N GLY C 327 -29.72 26.83 -3.19
CA GLY C 327 -29.72 28.28 -3.32
C GLY C 327 -28.58 28.76 -4.21
N GLY C 328 -28.00 27.84 -4.94
CA GLY C 328 -26.89 28.18 -5.84
C GLY C 328 -26.29 26.94 -6.47
N PRO C 329 -25.27 27.11 -7.32
CA PRO C 329 -24.64 25.95 -7.97
C PRO C 329 -23.77 25.19 -6.97
N VAL C 330 -23.31 24.01 -7.36
CA VAL C 330 -22.43 23.22 -6.51
C VAL C 330 -21.13 23.07 -7.28
N GLU C 331 -20.17 23.95 -6.96
CA GLU C 331 -18.89 23.92 -7.65
C GLU C 331 -17.72 23.53 -6.74
N GLU C 332 -16.56 24.12 -7.01
CA GLU C 332 -15.36 23.84 -6.24
C GLU C 332 -15.16 22.34 -6.23
N PRO C 333 -14.68 21.78 -5.11
CA PRO C 333 -14.43 20.35 -4.94
C PRO C 333 -15.72 19.58 -4.72
N TYR C 334 -16.70 20.26 -4.13
CA TYR C 334 -18.01 19.69 -3.84
C TYR C 334 -18.72 19.13 -5.06
N ARG C 335 -19.66 18.24 -4.81
CA ARG C 335 -20.40 17.59 -5.87
C ARG C 335 -21.67 16.97 -5.30
N LEU C 336 -22.80 17.23 -5.96
CA LEU C 336 -24.08 16.70 -5.52
C LEU C 336 -24.21 15.26 -6.03
N ALA C 337 -24.47 14.31 -5.13
CA ALA C 337 -24.57 12.91 -5.57
C ALA C 337 -25.67 12.06 -4.95
N PRO C 338 -26.43 11.35 -5.81
CA PRO C 338 -27.53 10.46 -5.43
C PRO C 338 -26.98 9.29 -4.61
N GLU C 339 -27.81 8.70 -3.77
CA GLU C 339 -27.37 7.59 -2.94
C GLU C 339 -26.92 6.38 -3.75
N ASP C 340 -27.60 6.10 -4.84
CA ASP C 340 -27.24 4.97 -5.69
C ASP C 340 -26.06 5.29 -6.61
N GLU C 341 -25.29 6.31 -6.24
CA GLU C 341 -24.13 6.72 -7.02
C GLU C 341 -22.92 6.98 -6.15
N LEU C 342 -23.09 6.80 -4.84
CA LEU C 342 -22.00 7.00 -3.90
C LEU C 342 -21.02 5.84 -4.04
N LYS C 343 -21.57 4.64 -4.17
CA LYS C 343 -20.79 3.42 -4.31
C LYS C 343 -19.85 3.45 -5.50
N ALA C 344 -19.90 4.52 -6.28
CA ALA C 344 -19.04 4.63 -7.46
C ALA C 344 -17.81 5.48 -7.17
N TYR C 345 -17.87 6.25 -6.10
CA TYR C 345 -16.75 7.11 -5.71
C TYR C 345 -15.82 6.40 -4.75
N ALA C 346 -14.55 6.78 -4.75
CA ALA C 346 -13.57 6.17 -3.85
C ALA C 346 -13.46 6.98 -2.57
N PHE C 347 -13.86 6.37 -1.46
CA PHE C 347 -13.82 7.01 -0.16
C PHE C 347 -12.84 6.27 0.74
N PRO C 348 -12.26 6.98 1.72
CA PRO C 348 -11.31 6.38 2.66
C PRO C 348 -12.13 5.45 3.56
N VAL C 349 -11.48 4.52 4.23
CA VAL C 349 -12.21 3.61 5.10
C VAL C 349 -12.91 4.39 6.21
N SER C 350 -12.29 5.48 6.64
CA SER C 350 -12.87 6.31 7.70
C SER C 350 -14.25 6.87 7.34
N HIS C 351 -14.40 7.38 6.12
CA HIS C 351 -15.70 7.93 5.70
C HIS C 351 -16.68 6.86 5.21
N GLN C 352 -16.18 5.66 4.96
CA GLN C 352 -17.06 4.58 4.54
C GLN C 352 -17.81 4.21 5.81
N ARG C 353 -17.21 4.49 6.95
CA ARG C 353 -17.85 4.16 8.21
C ARG C 353 -18.79 5.31 8.61
N VAL C 354 -18.50 6.51 8.13
CA VAL C 354 -19.34 7.65 8.42
C VAL C 354 -20.69 7.35 7.79
N TRP C 355 -20.66 6.96 6.52
CA TRP C 355 -21.90 6.65 5.82
C TRP C 355 -22.62 5.46 6.44
N ARG C 356 -21.86 4.41 6.77
CA ARG C 356 -22.44 3.21 7.37
C ARG C 356 -23.14 3.55 8.68
N GLU C 357 -22.46 4.31 9.53
CA GLU C 357 -23.04 4.68 10.82
C GLU C 357 -24.34 5.48 10.60
N TYR C 358 -24.26 6.44 9.70
CA TYR C 358 -25.39 7.31 9.35
C TYR C 358 -26.58 6.54 8.79
N LYS C 359 -26.30 5.59 7.90
CA LYS C 359 -27.35 4.80 7.27
C LYS C 359 -28.09 3.84 8.21
N GLU C 360 -27.38 3.27 9.19
CA GLU C 360 -28.06 2.37 10.10
C GLU C 360 -28.83 3.18 11.14
N TRP C 361 -28.35 4.40 11.38
CA TRP C 361 -28.98 5.31 12.32
C TRP C 361 -30.36 5.63 11.76
N ALA C 362 -30.38 6.09 10.51
CA ALA C 362 -31.62 6.43 9.83
C ALA C 362 -32.19 5.23 9.07
N SER C 363 -32.61 4.21 9.82
CA SER C 363 -33.16 2.99 9.25
C SER C 363 -33.22 1.90 10.30
CA CA D . 13.85 5.83 -8.03
FE1 SF4 E . 16.45 -19.93 9.15
FE2 SF4 E . 15.85 -17.45 9.88
FE3 SF4 E . 16.07 -19.43 11.79
FE4 SF4 E . 18.17 -18.33 10.52
S1 SF4 E . 16.70 -17.33 12.01
S2 SF4 E . 17.67 -20.32 10.94
S3 SF4 E . 17.30 -17.97 8.50
S4 SF4 E . 14.56 -19.32 10.15
N9 ADE F . 6.07 -9.82 -0.77
C8 ADE F . 6.76 -8.90 -1.54
N7 ADE F . 7.03 -9.32 -2.75
C5 ADE F . 6.49 -10.59 -2.80
C6 ADE F . 6.44 -11.56 -3.82
N6 ADE F . 6.97 -11.38 -5.03
N1 ADE F . 5.81 -12.72 -3.54
C2 ADE F . 5.28 -12.90 -2.33
N3 ADE F . 5.26 -12.08 -1.28
C4 ADE F . 5.89 -10.92 -1.59
#